data_4URV
#
_entry.id   4URV
#
_cell.length_a   149.900
_cell.length_b   149.900
_cell.length_c   200.200
_cell.angle_alpha   90.00
_cell.angle_beta   90.00
_cell.angle_gamma   90.00
#
_symmetry.space_group_name_H-M   'I 4 2 2'
#
loop_
_entity.id
_entity.type
_entity.pdbx_description
1 polymer 'GTPASE HRAS'
2 polymer 'SON OF SEVENLESS HOMOLOG 1'
3 non-polymer 'FORMIC ACID'
4 non-polymer 4-(4-BROMOPHENYL)PIPERIDIN-4-OL
5 water water
#
loop_
_entity_poly.entity_id
_entity_poly.type
_entity_poly.pdbx_seq_one_letter_code
_entity_poly.pdbx_strand_id
1 'polypeptide(L)'
;MHHHHHHGGGENLYFQGSHMTEYKLVVVGAGGVGKSALTIQLIQNHFVDEYDPTIEDSYRKQVVIDGETCLLDILDTAGQ
EEYSAMRDQYMRTGEGFLCVFAINNTKSFEDIHQYREQIKRVKDSDDVPMVLVGNKCDLAARTVESRQAQDLARSYGIPY
IETSAKTRQGVEDAFYTLVREIRQH
;
R
2 'polypeptide(L)'
;MEEQMRLPSADVYRFAEPDSEENIIFEENMQPKAGIPIIKAGTVIKLIERLTYHMYADPNFVRTFLTTYRSFCKPQELLS
LIIERFEIPEPEPTEADRIAIENGDQPLSAELKRFRKEYIQPVQLRVLNVCRHWVEHHFYDFERDAYLLQRMEEFIGTVR
GKAMKKWVESITKIIQRKKIARDNGPGHNITFQSSPPTVEWHISRPGHIETFDLLTLHPIEIARQLTLLESDLYRAVQPS
ELVGSVWTKEDKEINSPNLLKMIRHTTNLTLWFEKCIVETENLEERVAVVSRIIEILQVFQELNNFNGVLEVVSAMNSSP
VYRLDHTFEQIPSRQKKILEEAHELSEDHYKKYLAKLRSINPPCVPFFGIYLTNILKTEEGNPEVLKRHGKELINFSKRR
KVAEITGEIQQYQNQPYCLRVESDIKRFFENLNPMGNSMEKEFTDYLFNKSLEIEPRNPKPLPRFPKKYSYPLKSPGVRP
SNPRPGT
;
S
#
loop_
_chem_comp.id
_chem_comp.type
_chem_comp.name
_chem_comp.formula
FMT non-polymer 'FORMIC ACID' 'C H2 O2'
UMK non-polymer 4-(4-BROMOPHENYL)PIPERIDIN-4-OL 'C11 H14 Br N O'
#
# COMPACT_ATOMS: atom_id res chain seq x y z
N HIS A 19 5.59 -14.36 32.13
CA HIS A 19 5.14 -13.83 30.83
C HIS A 19 3.86 -14.54 30.33
N MET A 20 2.81 -13.76 29.96
CA MET A 20 1.56 -14.33 29.43
C MET A 20 1.77 -14.84 28.03
N THR A 21 0.95 -15.83 27.63
CA THR A 21 1.04 -16.42 26.31
C THR A 21 0.65 -15.44 25.22
N GLU A 22 1.43 -15.47 24.10
CA GLU A 22 1.20 -14.62 22.95
C GLU A 22 0.87 -15.51 21.76
N TYR A 23 -0.29 -15.25 21.12
CA TYR A 23 -0.75 -16.01 19.95
C TYR A 23 -0.59 -15.15 18.70
N LYS A 24 0.22 -15.60 17.77
CA LYS A 24 0.48 -14.95 16.49
C LYS A 24 -0.54 -15.47 15.48
N LEU A 25 -1.55 -14.64 15.16
CA LEU A 25 -2.66 -14.96 14.27
C LEU A 25 -2.51 -14.26 12.93
N VAL A 26 -2.99 -14.91 11.86
CA VAL A 26 -2.85 -14.33 10.51
C VAL A 26 -4.18 -14.37 9.83
N VAL A 27 -4.64 -13.23 9.33
CA VAL A 27 -5.90 -13.14 8.58
C VAL A 27 -5.54 -13.30 7.09
N VAL A 28 -6.22 -14.21 6.38
CA VAL A 28 -6.01 -14.43 4.95
C VAL A 28 -7.37 -14.44 4.25
N GLY A 29 -7.38 -13.94 3.04
CA GLY A 29 -8.60 -13.91 2.25
C GLY A 29 -8.52 -12.98 1.08
N ALA A 30 -9.53 -13.07 0.25
CA ALA A 30 -9.67 -12.20 -0.91
C ALA A 30 -9.70 -10.71 -0.52
N GLY A 31 -9.18 -9.90 -1.42
CA GLY A 31 -9.24 -8.44 -1.33
C GLY A 31 -10.53 -7.87 -1.94
N GLY A 32 -10.76 -6.60 -1.65
CA GLY A 32 -11.91 -5.86 -2.17
C GLY A 32 -13.26 -6.18 -1.56
N VAL A 33 -13.32 -6.97 -0.47
CA VAL A 33 -14.58 -7.42 0.12
C VAL A 33 -14.63 -7.19 1.67
N GLY A 34 -13.95 -6.14 2.13
CA GLY A 34 -13.94 -5.70 3.53
C GLY A 34 -13.40 -6.63 4.59
N LYS A 35 -12.37 -7.44 4.26
CA LYS A 35 -11.78 -8.35 5.26
C LYS A 35 -11.16 -7.61 6.43
N SER A 36 -10.69 -6.36 6.23
CA SER A 36 -10.07 -5.56 7.29
C SER A 36 -10.99 -5.25 8.48
N ALA A 37 -12.31 -5.33 8.30
CA ALA A 37 -13.27 -5.04 9.37
C ALA A 37 -13.20 -5.99 10.52
N LEU A 38 -13.00 -7.28 10.24
CA LEU A 38 -12.91 -8.34 11.27
C LEU A 38 -11.89 -7.93 12.40
N THR A 39 -10.65 -7.62 12.02
CA THR A 39 -9.58 -7.26 12.96
C THR A 39 -9.75 -5.85 13.51
N ILE A 40 -10.18 -4.89 12.70
CA ILE A 40 -10.38 -3.52 13.17
C ILE A 40 -11.43 -3.52 14.24
N GLN A 41 -12.54 -4.24 14.04
CA GLN A 41 -13.62 -4.34 15.00
C GLN A 41 -13.21 -5.07 16.27
N LEU A 42 -12.33 -6.10 16.20
CA LEU A 42 -11.84 -6.78 17.40
C LEU A 42 -11.06 -5.80 18.27
N ILE A 43 -10.04 -5.17 17.69
CA ILE A 43 -9.14 -4.26 18.40
C ILE A 43 -9.86 -3.03 18.91
N GLN A 44 -10.59 -2.36 18.04
CA GLN A 44 -11.35 -1.18 18.46
C GLN A 44 -12.24 -1.52 19.65
N ASN A 45 -12.29 -0.62 20.62
CA ASN A 45 -13.24 -0.74 21.70
C ASN A 45 -14.52 -0.32 21.01
N HIS A 46 -15.66 -0.99 21.29
CA HIS A 46 -16.91 -0.51 20.67
C HIS A 46 -17.11 0.90 21.27
N PHE A 47 -17.85 1.79 20.62
CA PHE A 47 -18.10 3.16 21.12
C PHE A 47 -16.92 4.13 20.79
N VAL A 48 -15.83 3.63 20.18
CA VAL A 48 -14.72 4.42 19.64
C VAL A 48 -14.61 3.87 18.21
N ASP A 49 -14.81 4.75 17.21
CA ASP A 49 -14.72 4.41 15.78
C ASP A 49 -13.42 5.00 15.16
N GLU A 50 -12.54 5.63 16.00
CA GLU A 50 -11.24 6.22 15.61
C GLU A 50 -10.15 5.09 15.56
N TYR A 51 -9.58 4.79 14.35
CA TYR A 51 -8.55 3.74 14.14
C TYR A 51 -7.30 4.32 13.49
N ASP A 52 -6.12 3.95 14.03
CA ASP A 52 -4.81 4.37 13.51
C ASP A 52 -3.97 3.11 13.28
N PRO A 53 -3.89 2.59 12.03
CA PRO A 53 -3.14 1.36 11.79
C PRO A 53 -1.61 1.48 12.00
N THR A 54 -1.10 2.73 12.16
CA THR A 54 0.30 3.08 12.40
C THR A 54 0.85 2.64 13.76
N ILE A 55 0.02 2.56 14.81
CA ILE A 55 0.49 2.26 16.17
C ILE A 55 0.41 0.74 16.52
N GLU A 56 1.34 0.25 17.37
CA GLU A 56 1.43 -1.15 17.85
C GLU A 56 0.12 -1.71 18.45
N ASP A 57 -0.56 -0.88 19.24
CA ASP A 57 -1.83 -1.23 19.90
C ASP A 57 -2.96 -1.54 18.90
N SER A 58 -2.77 -1.18 17.60
CA SER A 58 -3.77 -1.41 16.55
C SER A 58 -3.82 -2.89 16.10
N TYR A 59 -2.74 -3.67 16.35
CA TYR A 59 -2.69 -5.11 16.01
C TYR A 59 -2.38 -6.05 17.22
N ARG A 60 -2.22 -5.51 18.44
CA ARG A 60 -1.97 -6.28 19.66
C ARG A 60 -3.11 -6.04 20.65
N LYS A 61 -3.66 -7.11 21.27
CA LYS A 61 -4.78 -6.98 22.21
C LYS A 61 -4.71 -8.00 23.31
N GLN A 62 -4.85 -7.54 24.56
CA GLN A 62 -4.85 -8.44 25.71
C GLN A 62 -6.29 -8.88 25.93
N VAL A 63 -6.52 -10.19 25.99
CA VAL A 63 -7.85 -10.77 26.16
C VAL A 63 -7.78 -11.89 27.19
N VAL A 64 -8.95 -12.30 27.68
CA VAL A 64 -9.10 -13.41 28.62
C VAL A 64 -10.03 -14.36 27.92
N ILE A 65 -9.55 -15.56 27.62
CA ILE A 65 -10.31 -16.58 26.90
C ILE A 65 -10.34 -17.80 27.80
N ASP A 66 -11.55 -18.25 28.20
CA ASP A 66 -11.74 -19.38 29.13
C ASP A 66 -10.95 -19.16 30.45
N GLY A 67 -11.04 -17.93 30.97
CA GLY A 67 -10.36 -17.51 32.20
C GLY A 67 -8.84 -17.43 32.18
N GLU A 68 -8.20 -17.65 31.01
CA GLU A 68 -6.74 -17.60 30.86
C GLU A 68 -6.37 -16.38 30.02
N THR A 69 -5.72 -15.38 30.65
CA THR A 69 -5.25 -14.16 29.99
C THR A 69 -4.16 -14.51 28.97
N CYS A 70 -4.20 -13.80 27.83
CA CYS A 70 -3.23 -14.00 26.74
C CYS A 70 -3.16 -12.74 25.88
N LEU A 71 -2.15 -12.67 25.00
CA LEU A 71 -2.01 -11.56 24.08
C LEU A 71 -2.17 -12.06 22.64
N LEU A 72 -3.07 -11.42 21.89
CA LEU A 72 -3.29 -11.74 20.48
C LEU A 72 -2.51 -10.74 19.63
N ASP A 73 -1.58 -11.24 18.81
CA ASP A 73 -0.86 -10.45 17.81
C ASP A 73 -1.49 -10.89 16.48
N ILE A 74 -2.16 -9.96 15.77
CA ILE A 74 -2.91 -10.28 14.56
C ILE A 74 -2.27 -9.62 13.38
N LEU A 75 -1.90 -10.42 12.35
CA LEU A 75 -1.37 -9.91 11.10
C LEU A 75 -2.44 -9.96 10.03
N ASP A 76 -2.80 -8.78 9.55
CA ASP A 76 -3.74 -8.61 8.46
C ASP A 76 -3.07 -7.71 7.43
N THR A 77 -2.67 -8.30 6.28
CA THR A 77 -2.02 -7.56 5.19
C THR A 77 -3.04 -7.05 4.14
N ALA A 78 -4.26 -6.74 4.57
CA ALA A 78 -5.32 -6.18 3.75
C ALA A 78 -4.80 -5.04 2.90
N GLY A 79 -4.91 -5.18 1.57
CA GLY A 79 -4.42 -4.21 0.60
C GLY A 79 -3.21 -4.67 -0.19
N GLN A 80 -2.48 -5.70 0.29
CA GLN A 80 -1.27 -6.24 -0.37
C GLN A 80 -1.50 -7.57 -1.13
N GLU A 81 -2.71 -7.79 -1.63
CA GLU A 81 -3.10 -9.02 -2.34
C GLU A 81 -2.38 -9.24 -3.62
N GLU A 82 -2.02 -8.17 -4.30
CA GLU A 82 -1.23 -8.24 -5.52
C GLU A 82 0.21 -8.68 -5.29
N TYR A 83 0.73 -8.58 -4.06
CA TYR A 83 2.07 -9.07 -3.70
C TYR A 83 1.88 -10.52 -3.38
N SER A 84 1.46 -11.30 -4.40
CA SER A 84 1.15 -12.72 -4.31
C SER A 84 2.32 -13.59 -3.93
N ALA A 85 3.56 -13.15 -4.22
CA ALA A 85 4.74 -13.90 -3.83
C ALA A 85 5.17 -13.62 -2.39
N MET A 86 4.43 -12.74 -1.65
CA MET A 86 4.70 -12.49 -0.23
C MET A 86 3.78 -13.27 0.68
N ARG A 87 2.89 -14.12 0.17
CA ARG A 87 1.98 -14.87 1.03
C ARG A 87 2.71 -15.84 1.91
N ASP A 88 3.64 -16.62 1.37
CA ASP A 88 4.34 -17.64 2.17
C ASP A 88 5.03 -16.99 3.37
N GLN A 89 5.80 -15.95 3.09
CA GLN A 89 6.48 -15.15 4.10
C GLN A 89 5.55 -14.72 5.25
N TYR A 90 4.46 -14.02 4.92
CA TYR A 90 3.46 -13.55 5.87
C TYR A 90 2.79 -14.72 6.61
N MET A 91 2.36 -15.75 5.88
CA MET A 91 1.73 -16.92 6.46
C MET A 91 2.63 -17.65 7.43
N ARG A 92 3.95 -17.70 7.19
CA ARG A 92 4.84 -18.41 8.10
C ARG A 92 4.93 -17.80 9.49
N THR A 93 4.58 -16.52 9.65
CA THR A 93 4.62 -15.86 10.96
C THR A 93 3.56 -16.39 11.92
N GLY A 94 2.46 -16.94 11.38
CA GLY A 94 1.32 -17.39 12.16
C GLY A 94 1.35 -18.79 12.72
N GLU A 95 0.70 -18.94 13.90
CA GLU A 95 0.39 -20.20 14.57
C GLU A 95 -1.07 -20.60 14.26
N GLY A 96 -1.91 -19.60 14.04
CA GLY A 96 -3.32 -19.76 13.77
C GLY A 96 -3.77 -18.88 12.64
N PHE A 97 -4.77 -19.34 11.87
CA PHE A 97 -5.27 -18.60 10.70
C PHE A 97 -6.77 -18.38 10.67
N LEU A 98 -7.18 -17.20 10.23
CA LEU A 98 -8.56 -16.88 9.99
C LEU A 98 -8.65 -16.75 8.48
N CYS A 99 -9.34 -17.73 7.84
CA CYS A 99 -9.57 -17.72 6.39
C CYS A 99 -10.90 -17.10 6.20
N VAL A 100 -10.89 -15.90 5.65
CA VAL A 100 -12.04 -15.03 5.56
C VAL A 100 -12.56 -14.87 4.16
N PHE A 101 -13.90 -14.94 4.03
CA PHE A 101 -14.58 -14.68 2.77
C PHE A 101 -15.75 -13.78 3.08
N ALA A 102 -16.26 -13.09 2.06
CA ALA A 102 -17.45 -12.22 2.16
C ALA A 102 -18.66 -13.04 1.73
N ILE A 103 -19.75 -13.02 2.52
CA ILE A 103 -20.96 -13.83 2.21
C ILE A 103 -21.73 -13.32 0.97
N ASN A 104 -21.37 -12.12 0.45
CA ASN A 104 -21.92 -11.46 -0.74
C ASN A 104 -21.01 -11.63 -1.98
N ASN A 105 -19.97 -12.45 -1.89
CA ASN A 105 -19.01 -12.61 -2.97
C ASN A 105 -18.61 -14.08 -3.04
N THR A 106 -19.14 -14.79 -4.02
CA THR A 106 -18.89 -16.22 -4.19
C THR A 106 -17.45 -16.52 -4.58
N LYS A 107 -16.77 -15.63 -5.30
CA LYS A 107 -15.38 -15.85 -5.71
C LYS A 107 -14.46 -15.93 -4.48
N SER A 108 -14.62 -15.02 -3.48
CA SER A 108 -13.90 -15.01 -2.21
C SER A 108 -14.11 -16.29 -1.43
N PHE A 109 -15.31 -16.87 -1.52
CA PHE A 109 -15.61 -18.16 -0.89
C PHE A 109 -14.85 -19.28 -1.63
N GLU A 110 -14.90 -19.25 -2.95
CA GLU A 110 -14.21 -20.24 -3.79
C GLU A 110 -12.69 -20.22 -3.68
N ASP A 111 -12.11 -19.07 -3.34
CA ASP A 111 -10.67 -18.89 -3.12
C ASP A 111 -10.17 -19.55 -1.83
N ILE A 112 -11.02 -19.83 -0.87
CA ILE A 112 -10.62 -20.44 0.42
C ILE A 112 -9.84 -21.74 0.24
N HIS A 113 -10.23 -22.58 -0.71
CA HIS A 113 -9.54 -23.86 -0.89
C HIS A 113 -8.06 -23.69 -1.16
N GLN A 114 -7.67 -22.72 -1.99
CA GLN A 114 -6.25 -22.50 -2.29
C GLN A 114 -5.52 -21.84 -1.14
N TYR A 115 -6.15 -20.89 -0.43
CA TYR A 115 -5.54 -20.26 0.75
C TYR A 115 -5.13 -21.29 1.78
N ARG A 116 -6.06 -22.17 2.12
CA ARG A 116 -5.83 -23.26 3.06
C ARG A 116 -4.70 -24.18 2.57
N GLU A 117 -4.69 -24.53 1.28
CA GLU A 117 -3.63 -25.37 0.71
C GLU A 117 -2.27 -24.71 0.90
N GLN A 118 -2.18 -23.38 0.71
CA GLN A 118 -0.89 -22.71 0.91
C GLN A 118 -0.50 -22.72 2.34
N ILE A 119 -1.45 -22.49 3.26
CA ILE A 119 -1.17 -22.48 4.70
C ILE A 119 -0.59 -23.83 5.10
N LYS A 120 -1.23 -24.92 4.68
CA LYS A 120 -0.74 -26.28 4.94
C LYS A 120 0.67 -26.49 4.40
N ARG A 121 0.95 -26.00 3.20
CA ARG A 121 2.27 -26.13 2.58
C ARG A 121 3.33 -25.34 3.36
N VAL A 122 3.02 -24.08 3.68
CA VAL A 122 3.93 -23.18 4.41
C VAL A 122 4.29 -23.74 5.79
N LYS A 123 3.27 -24.20 6.51
CA LYS A 123 3.43 -24.76 7.84
C LYS A 123 3.88 -26.21 7.82
N ASP A 124 3.87 -26.86 6.64
CA ASP A 124 4.28 -28.27 6.47
C ASP A 124 3.47 -29.17 7.40
N SER A 125 2.13 -29.01 7.36
CA SER A 125 1.24 -29.73 8.25
C SER A 125 -0.17 -29.78 7.69
N ASP A 126 -0.85 -30.92 7.86
CA ASP A 126 -2.24 -31.07 7.41
C ASP A 126 -3.18 -30.59 8.46
N ASP A 127 -2.70 -30.44 9.71
CA ASP A 127 -3.51 -29.98 10.83
C ASP A 127 -2.92 -28.69 11.39
N VAL A 128 -3.27 -27.55 10.76
CA VAL A 128 -2.83 -26.21 11.20
C VAL A 128 -4.03 -25.54 11.89
N PRO A 129 -3.90 -25.00 13.12
CA PRO A 129 -5.04 -24.29 13.74
C PRO A 129 -5.63 -23.23 12.78
N MET A 130 -6.91 -23.39 12.44
CA MET A 130 -7.55 -22.58 11.42
C MET A 130 -9.04 -22.48 11.65
N VAL A 131 -9.60 -21.41 11.15
CA VAL A 131 -11.01 -21.09 11.33
C VAL A 131 -11.53 -20.49 10.02
N LEU A 132 -12.76 -20.87 9.61
CA LEU A 132 -13.39 -20.30 8.42
C LEU A 132 -14.30 -19.16 8.87
N VAL A 133 -14.09 -17.94 8.36
CA VAL A 133 -14.92 -16.81 8.75
C VAL A 133 -15.71 -16.27 7.56
N GLY A 134 -17.04 -16.19 7.68
CA GLY A 134 -17.91 -15.60 6.68
C GLY A 134 -18.31 -14.21 7.14
N ASN A 135 -17.86 -13.16 6.42
CA ASN A 135 -18.09 -11.76 6.83
C ASN A 135 -19.23 -11.08 6.06
N LYS A 136 -20.21 -10.45 6.77
CA LYS A 136 -21.33 -9.69 6.17
C LYS A 136 -20.88 -8.23 6.19
N CYS A 137 -20.16 -7.83 5.10
CA CYS A 137 -19.45 -6.53 4.98
C CYS A 137 -20.34 -5.36 4.57
N ASP A 138 -21.53 -5.63 4.05
CA ASP A 138 -22.42 -4.57 3.63
C ASP A 138 -23.84 -5.12 3.49
N LEU A 139 -24.78 -4.26 3.05
CA LEU A 139 -26.15 -4.67 2.83
C LEU A 139 -26.37 -5.21 1.38
N ALA A 140 -25.28 -5.66 0.70
CA ALA A 140 -25.38 -6.37 -0.59
C ALA A 140 -25.99 -7.76 -0.31
N ALA A 141 -26.58 -8.37 -1.32
CA ALA A 141 -27.25 -9.66 -1.17
C ALA A 141 -26.27 -10.79 -0.92
N ARG A 142 -26.68 -11.72 -0.08
CA ARG A 142 -25.93 -12.94 0.24
C ARG A 142 -25.98 -13.90 -0.93
N THR A 143 -24.82 -14.40 -1.36
CA THR A 143 -24.69 -15.38 -2.45
C THR A 143 -24.10 -16.70 -1.95
N VAL A 144 -23.69 -16.72 -0.66
CA VAL A 144 -23.07 -17.86 0.02
C VAL A 144 -23.96 -18.18 1.21
N GLU A 145 -24.69 -19.30 1.11
CA GLU A 145 -25.56 -19.73 2.19
C GLU A 145 -24.75 -20.34 3.31
N SER A 146 -25.22 -20.13 4.53
CA SER A 146 -24.62 -20.64 5.76
C SER A 146 -24.25 -22.14 5.57
N ARG A 147 -25.16 -22.96 5.02
CA ARG A 147 -24.94 -24.40 4.83
C ARG A 147 -23.77 -24.71 3.89
N GLN A 148 -23.58 -23.93 2.82
CA GLN A 148 -22.43 -24.10 1.92
C GLN A 148 -21.12 -23.96 2.69
N ALA A 149 -21.01 -22.90 3.51
CA ALA A 149 -19.79 -22.62 4.29
C ALA A 149 -19.60 -23.60 5.46
N GLN A 150 -20.68 -23.97 6.11
CA GLN A 150 -20.71 -24.99 7.19
C GLN A 150 -20.27 -26.38 6.64
N ASP A 151 -20.70 -26.69 5.41
CA ASP A 151 -20.28 -27.92 4.71
C ASP A 151 -18.77 -27.93 4.39
N LEU A 152 -18.27 -26.81 3.81
CA LEU A 152 -16.85 -26.65 3.47
C LEU A 152 -15.99 -26.76 4.73
N ALA A 153 -16.41 -26.13 5.83
CA ALA A 153 -15.66 -26.13 7.07
C ALA A 153 -15.54 -27.52 7.66
N ARG A 154 -16.65 -28.27 7.60
CA ARG A 154 -16.71 -29.66 8.06
C ARG A 154 -15.74 -30.50 7.25
N SER A 155 -15.77 -30.39 5.91
CA SER A 155 -14.85 -31.14 5.01
C SER A 155 -13.35 -30.98 5.36
N TYR A 156 -12.98 -29.79 5.89
CA TYR A 156 -11.61 -29.46 6.33
C TYR A 156 -11.37 -29.82 7.81
N GLY A 157 -12.46 -30.10 8.53
CA GLY A 157 -12.40 -30.39 9.94
C GLY A 157 -12.12 -29.17 10.79
N ILE A 158 -12.68 -28.01 10.41
CA ILE A 158 -12.47 -26.76 11.16
C ILE A 158 -13.79 -26.01 11.49
N PRO A 159 -13.76 -25.13 12.52
CA PRO A 159 -14.94 -24.31 12.82
C PRO A 159 -15.34 -23.29 11.75
N TYR A 160 -16.64 -22.92 11.73
CA TYR A 160 -17.18 -21.89 10.86
C TYR A 160 -17.83 -20.82 11.72
N ILE A 161 -17.42 -19.55 11.57
CA ILE A 161 -18.04 -18.44 12.31
C ILE A 161 -18.53 -17.34 11.32
N GLU A 162 -19.78 -16.92 11.40
CA GLU A 162 -20.25 -15.80 10.60
C GLU A 162 -20.15 -14.54 11.44
N THR A 163 -19.78 -13.42 10.79
CA THR A 163 -19.58 -12.14 11.45
C THR A 163 -20.25 -11.04 10.69
N SER A 164 -20.62 -9.98 11.41
CA SER A 164 -21.21 -8.78 10.85
C SER A 164 -20.20 -7.67 11.02
N ALA A 165 -19.83 -6.98 9.91
CA ALA A 165 -18.88 -5.84 9.97
C ALA A 165 -19.59 -4.60 10.57
N LYS A 166 -20.90 -4.48 10.35
CA LYS A 166 -21.61 -3.33 10.88
C LYS A 166 -21.82 -3.39 12.44
N THR A 167 -22.26 -4.54 12.98
CA THR A 167 -22.67 -4.71 14.36
C THR A 167 -21.69 -5.31 15.34
N ARG A 168 -20.55 -5.83 14.86
CA ARG A 168 -19.55 -6.50 15.66
C ARG A 168 -19.99 -7.92 16.06
N GLN A 169 -21.16 -8.39 15.58
CA GLN A 169 -21.65 -9.72 15.90
C GLN A 169 -20.75 -10.82 15.31
N GLY A 170 -20.26 -11.71 16.17
CA GLY A 170 -19.43 -12.85 15.80
C GLY A 170 -17.94 -12.64 15.78
N VAL A 171 -17.47 -11.38 15.90
CA VAL A 171 -16.04 -11.03 15.79
C VAL A 171 -15.21 -11.70 16.85
N GLU A 172 -15.61 -11.57 18.09
CA GLU A 172 -14.88 -12.12 19.24
C GLU A 172 -14.91 -13.62 19.21
N ASP A 173 -16.07 -14.22 18.86
CA ASP A 173 -16.24 -15.67 18.75
C ASP A 173 -15.27 -16.25 17.69
N ALA A 174 -15.03 -15.52 16.58
CA ALA A 174 -14.14 -15.99 15.51
C ALA A 174 -12.73 -16.12 16.01
N PHE A 175 -12.27 -15.04 16.65
CA PHE A 175 -10.92 -14.98 17.24
C PHE A 175 -10.71 -15.93 18.43
N TYR A 176 -11.67 -15.97 19.35
CA TYR A 176 -11.61 -16.84 20.54
C TYR A 176 -11.67 -18.31 20.11
N THR A 177 -12.51 -18.66 19.14
CA THR A 177 -12.54 -20.03 18.63
C THR A 177 -11.16 -20.41 18.07
N LEU A 178 -10.46 -19.49 17.37
CA LEU A 178 -9.12 -19.79 16.86
C LEU A 178 -8.11 -20.04 17.98
N VAL A 179 -8.12 -19.22 19.02
CA VAL A 179 -7.25 -19.41 20.18
C VAL A 179 -7.50 -20.81 20.81
N ARG A 180 -8.78 -21.22 20.92
CA ARG A 180 -9.12 -22.53 21.46
C ARG A 180 -8.58 -23.63 20.52
N GLU A 181 -8.64 -23.43 19.20
CA GLU A 181 -8.09 -24.40 18.23
C GLU A 181 -6.58 -24.53 18.41
N ILE A 182 -5.87 -23.44 18.66
CA ILE A 182 -4.42 -23.47 18.90
C ILE A 182 -4.12 -24.18 20.26
N ARG A 183 -4.88 -23.85 21.31
CA ARG A 183 -4.70 -24.43 22.64
C ARG A 183 -4.94 -25.94 22.68
N GLN A 184 -5.95 -26.39 21.92
CA GLN A 184 -6.35 -27.79 21.77
C GLN A 184 -5.62 -28.48 20.66
N HIS A 185 -4.60 -27.86 20.05
CA HIS A 185 -3.89 -28.50 18.95
C HIS A 185 -3.10 -29.73 19.43
N ARG B 6 -19.52 42.93 9.21
CA ARG B 6 -20.89 42.45 9.03
C ARG B 6 -21.00 41.70 7.70
N LEU B 7 -21.51 40.45 7.77
CA LEU B 7 -21.66 39.58 6.60
C LEU B 7 -23.13 39.50 6.22
N PRO B 8 -23.45 39.20 4.94
CA PRO B 8 -24.86 39.04 4.55
C PRO B 8 -25.57 37.85 5.20
N SER B 9 -26.86 37.65 4.89
CA SER B 9 -27.63 36.57 5.49
C SER B 9 -27.32 35.23 4.83
N ALA B 10 -27.41 34.13 5.59
CA ALA B 10 -27.22 32.77 5.08
C ALA B 10 -28.27 32.45 4.01
N ASP B 11 -29.45 33.09 4.14
CA ASP B 11 -30.57 33.00 3.19
C ASP B 11 -30.15 33.52 1.78
N VAL B 12 -29.11 34.39 1.69
CA VAL B 12 -28.55 34.94 0.45
C VAL B 12 -27.10 34.44 0.17
N TYR B 13 -26.31 34.14 1.22
CA TYR B 13 -24.93 33.68 1.07
C TYR B 13 -24.61 32.63 2.16
N ARG B 14 -24.63 31.34 1.76
CA ARG B 14 -24.46 30.16 2.63
C ARG B 14 -23.23 30.13 3.53
N PHE B 15 -22.13 30.73 3.07
CA PHE B 15 -20.86 30.73 3.83
C PHE B 15 -20.85 31.79 4.96
N ALA B 16 -21.91 32.62 5.07
CA ALA B 16 -22.05 33.60 6.15
C ALA B 16 -22.51 32.92 7.43
N GLU B 17 -23.28 31.78 7.31
CA GLU B 17 -23.78 31.02 8.45
C GLU B 17 -22.68 30.86 9.50
N PRO B 18 -22.88 31.29 10.76
CA PRO B 18 -21.80 31.18 11.75
C PRO B 18 -21.40 29.76 12.13
N ASP B 19 -20.22 29.62 12.75
CA ASP B 19 -19.73 28.33 13.22
C ASP B 19 -20.54 27.87 14.41
N SER B 20 -20.72 26.55 14.53
CA SER B 20 -21.38 25.91 15.68
C SER B 20 -20.91 24.46 15.77
N GLU B 21 -21.27 23.78 16.86
CA GLU B 21 -20.94 22.37 17.09
C GLU B 21 -21.70 21.45 16.09
N GLU B 22 -22.74 21.98 15.41
CA GLU B 22 -23.57 21.30 14.43
C GLU B 22 -23.03 21.45 12.98
N ASN B 23 -22.00 22.28 12.75
CA ASN B 23 -21.47 22.45 11.38
C ASN B 23 -19.92 22.44 11.26
N ILE B 24 -19.18 22.54 12.37
CA ILE B 24 -17.72 22.50 12.31
C ILE B 24 -17.15 22.21 13.68
N ILE B 25 -16.24 21.23 13.75
CA ILE B 25 -15.58 20.81 14.98
C ILE B 25 -14.10 20.65 14.69
N PHE B 26 -13.29 20.85 15.71
CA PHE B 26 -11.85 20.88 15.61
C PHE B 26 -11.21 19.89 16.52
N GLU B 27 -9.90 19.69 16.31
CA GLU B 27 -9.02 18.88 17.13
C GLU B 27 -8.46 19.82 18.22
N GLU B 28 -7.97 19.25 19.32
CA GLU B 28 -7.39 20.03 20.44
C GLU B 28 -6.09 20.81 20.06
N ASN B 29 -5.28 20.26 19.14
CA ASN B 29 -3.99 20.84 18.73
C ASN B 29 -4.14 21.80 17.54
N MET B 30 -3.02 22.48 17.17
CA MET B 30 -2.94 23.49 16.09
C MET B 30 -1.83 23.12 15.12
N GLN B 31 -1.92 23.60 13.86
CA GLN B 31 -0.95 23.29 12.80
C GLN B 31 0.45 23.61 13.32
N PRO B 32 1.31 22.55 13.46
CA PRO B 32 2.64 22.71 14.14
C PRO B 32 3.45 23.97 13.85
N LYS B 33 3.60 24.29 12.54
CA LYS B 33 4.39 25.42 12.07
C LYS B 33 3.61 26.73 11.92
N ALA B 34 2.23 26.70 11.86
CA ALA B 34 1.42 27.91 11.56
C ALA B 34 0.40 28.38 12.61
N GLY B 35 0.17 27.65 13.69
CA GLY B 35 -0.77 28.11 14.73
C GLY B 35 -2.22 28.22 14.33
N ILE B 36 -2.61 27.51 13.27
CA ILE B 36 -3.95 27.47 12.69
C ILE B 36 -4.68 26.29 13.32
N PRO B 37 -5.98 26.39 13.63
CA PRO B 37 -6.67 25.21 14.19
C PRO B 37 -6.80 24.07 13.20
N ILE B 38 -6.74 22.85 13.71
CA ILE B 38 -6.88 21.65 12.89
C ILE B 38 -8.37 21.26 12.85
N ILE B 39 -8.98 21.31 11.65
CA ILE B 39 -10.38 20.93 11.47
C ILE B 39 -10.50 19.41 11.58
N LYS B 40 -11.38 18.92 12.48
CA LYS B 40 -11.67 17.50 12.69
C LYS B 40 -12.81 17.04 11.77
N ALA B 41 -13.86 17.86 11.67
CA ALA B 41 -15.02 17.58 10.80
C ALA B 41 -15.84 18.81 10.57
N GLY B 42 -16.61 18.80 9.51
CA GLY B 42 -17.52 19.90 9.21
C GLY B 42 -18.40 19.59 8.03
N THR B 43 -19.31 20.50 7.69
CA THR B 43 -20.20 20.33 6.54
C THR B 43 -19.41 20.73 5.31
N VAL B 44 -19.86 20.35 4.12
CA VAL B 44 -19.13 20.70 2.90
C VAL B 44 -19.01 22.24 2.77
N ILE B 45 -20.08 23.00 3.12
CA ILE B 45 -20.08 24.48 3.11
C ILE B 45 -18.98 25.05 4.03
N LYS B 46 -18.86 24.51 5.25
CA LYS B 46 -17.85 24.93 6.24
C LYS B 46 -16.43 24.52 5.86
N LEU B 47 -16.27 23.37 5.18
CA LEU B 47 -14.95 22.93 4.72
C LEU B 47 -14.54 23.80 3.57
N ILE B 48 -15.48 24.14 2.66
CA ILE B 48 -15.20 25.06 1.54
C ILE B 48 -14.94 26.48 2.07
N GLU B 49 -15.66 26.92 3.12
CA GLU B 49 -15.40 28.23 3.73
C GLU B 49 -13.96 28.27 4.25
N ARG B 50 -13.55 27.24 4.98
CA ARG B 50 -12.20 27.17 5.54
C ARG B 50 -11.11 26.90 4.51
N LEU B 51 -11.47 26.39 3.34
CA LEU B 51 -10.56 26.14 2.23
C LEU B 51 -10.17 27.49 1.61
N THR B 52 -11.12 28.44 1.69
CA THR B 52 -11.00 29.79 1.15
C THR B 52 -11.27 30.82 2.28
N TYR B 53 -10.62 30.64 3.47
CA TYR B 53 -10.85 31.50 4.65
C TYR B 53 -10.29 32.92 4.49
N HIS B 54 -11.02 33.92 5.00
CA HIS B 54 -10.60 35.32 4.87
C HIS B 54 -9.47 35.74 5.82
N MET B 55 -9.47 35.23 7.07
CA MET B 55 -8.47 35.60 8.08
C MET B 55 -7.04 35.18 7.72
N TYR B 56 -6.86 33.94 7.25
CA TYR B 56 -5.54 33.44 6.87
C TYR B 56 -5.61 32.45 5.75
N ALA B 57 -4.46 32.19 5.15
CA ALA B 57 -4.27 31.19 4.11
C ALA B 57 -3.91 29.89 4.84
N ASP B 58 -4.33 28.74 4.29
CA ASP B 58 -4.13 27.42 4.92
C ASP B 58 -3.64 26.43 3.86
N PRO B 59 -2.39 26.57 3.42
CA PRO B 59 -1.87 25.66 2.40
C PRO B 59 -1.98 24.17 2.73
N ASN B 60 -1.83 23.77 4.00
CA ASN B 60 -1.89 22.36 4.38
C ASN B 60 -3.27 21.80 4.20
N PHE B 61 -4.26 22.55 4.63
CA PHE B 61 -5.66 22.16 4.45
C PHE B 61 -6.03 22.11 2.94
N VAL B 62 -5.55 23.06 2.14
CA VAL B 62 -5.81 23.09 0.68
C VAL B 62 -5.18 21.86 0.01
N ARG B 63 -3.96 21.57 0.39
CA ARG B 63 -3.21 20.44 -0.12
C ARG B 63 -3.93 19.11 0.25
N THR B 64 -4.41 19.00 1.50
CA THR B 64 -5.12 17.82 2.00
C THR B 64 -6.46 17.69 1.35
N PHE B 65 -7.19 18.80 1.30
CA PHE B 65 -8.52 18.81 0.72
C PHE B 65 -8.48 18.36 -0.72
N LEU B 66 -7.69 19.03 -1.55
CA LEU B 66 -7.67 18.77 -3.00
C LEU B 66 -7.17 17.34 -3.36
N THR B 67 -6.45 16.69 -2.45
CA THR B 67 -6.01 15.31 -2.62
C THR B 67 -7.12 14.32 -2.30
N THR B 68 -7.91 14.59 -1.24
CA THR B 68 -8.88 13.65 -0.67
C THR B 68 -10.36 13.99 -0.75
N TYR B 69 -10.75 15.03 -1.46
CA TYR B 69 -12.15 15.45 -1.46
C TYR B 69 -13.16 14.58 -2.21
N ARG B 70 -12.69 13.77 -3.18
CA ARG B 70 -13.59 13.06 -4.09
C ARG B 70 -14.45 12.00 -3.41
N SER B 71 -14.05 11.56 -2.22
CA SER B 71 -14.84 10.62 -1.42
C SER B 71 -16.12 11.24 -0.87
N PHE B 72 -16.17 12.58 -0.71
CA PHE B 72 -17.32 13.29 -0.15
C PHE B 72 -17.92 14.35 -1.04
N CYS B 73 -17.27 14.70 -2.15
CA CYS B 73 -17.74 15.76 -3.03
C CYS B 73 -17.23 15.47 -4.45
N LYS B 74 -18.09 15.61 -5.47
CA LYS B 74 -17.68 15.34 -6.86
C LYS B 74 -16.93 16.56 -7.41
N PRO B 75 -15.97 16.39 -8.35
CA PRO B 75 -15.30 17.58 -8.91
C PRO B 75 -16.22 18.68 -9.45
N GLN B 76 -17.38 18.33 -10.02
CA GLN B 76 -18.36 19.30 -10.54
C GLN B 76 -19.02 20.07 -9.40
N GLU B 77 -19.37 19.36 -8.33
CA GLU B 77 -19.97 19.95 -7.15
C GLU B 77 -18.97 20.88 -6.43
N LEU B 78 -17.65 20.52 -6.41
CA LEU B 78 -16.60 21.35 -5.79
C LEU B 78 -16.47 22.67 -6.54
N LEU B 79 -16.40 22.60 -7.89
CA LEU B 79 -16.29 23.79 -8.75
C LEU B 79 -17.48 24.71 -8.55
N SER B 80 -18.69 24.13 -8.44
CA SER B 80 -19.92 24.88 -8.20
C SER B 80 -19.85 25.62 -6.87
N LEU B 81 -19.39 24.92 -5.83
CA LEU B 81 -19.20 25.45 -4.48
C LEU B 81 -18.15 26.58 -4.43
N ILE B 82 -16.99 26.42 -5.12
CA ILE B 82 -15.96 27.48 -5.10
C ILE B 82 -16.38 28.71 -5.97
N ILE B 83 -17.27 28.50 -6.96
CA ILE B 83 -17.81 29.60 -7.78
C ILE B 83 -18.80 30.38 -6.89
N GLU B 84 -19.68 29.64 -6.17
CA GLU B 84 -20.65 30.22 -5.26
C GLU B 84 -19.94 31.10 -4.22
N ARG B 85 -18.91 30.53 -3.55
CA ARG B 85 -18.07 31.20 -2.56
C ARG B 85 -17.53 32.54 -3.09
N PHE B 86 -17.00 32.55 -4.33
CA PHE B 86 -16.41 33.74 -4.98
C PHE B 86 -17.45 34.84 -5.17
N GLU B 87 -18.69 34.45 -5.52
CA GLU B 87 -19.78 35.38 -5.78
C GLU B 87 -20.37 35.86 -4.46
N ILE B 88 -19.67 36.82 -3.84
CA ILE B 88 -20.05 37.38 -2.55
C ILE B 88 -20.99 38.58 -2.77
N PRO B 89 -22.23 38.55 -2.26
CA PRO B 89 -23.09 39.74 -2.38
C PRO B 89 -22.75 40.72 -1.25
N GLU B 90 -23.13 41.99 -1.40
CA GLU B 90 -22.88 43.00 -0.34
C GLU B 90 -23.94 42.84 0.78
N PRO B 91 -23.66 43.24 2.06
CA PRO B 91 -24.69 43.12 3.11
C PRO B 91 -25.76 44.23 3.09
C LEU B 108 -18.53 54.66 1.09
N SER B 109 -19.16 53.76 1.86
CA SER B 109 -19.25 53.91 3.32
C SER B 109 -18.09 53.17 4.04
N ALA B 110 -18.00 53.32 5.40
CA ALA B 110 -16.95 52.70 6.21
C ALA B 110 -17.03 51.18 6.22
N GLU B 111 -18.26 50.64 6.39
CA GLU B 111 -18.51 49.20 6.41
C GLU B 111 -18.25 48.54 5.05
N LEU B 112 -18.82 49.10 3.97
CA LEU B 112 -18.67 48.55 2.61
C LEU B 112 -17.21 48.52 2.13
N LYS B 113 -16.41 49.57 2.39
CA LYS B 113 -14.99 49.62 1.99
C LYS B 113 -14.14 48.60 2.76
N ARG B 114 -14.46 48.39 4.06
CA ARG B 114 -13.76 47.44 4.92
C ARG B 114 -14.09 46.00 4.52
N PHE B 115 -15.38 45.74 4.17
CA PHE B 115 -15.86 44.43 3.75
C PHE B 115 -15.18 44.02 2.44
N ARG B 116 -15.10 44.94 1.47
CA ARG B 116 -14.44 44.70 0.19
C ARG B 116 -12.96 44.29 0.37
N LYS B 117 -12.26 44.93 1.35
CA LYS B 117 -10.83 44.73 1.60
C LYS B 117 -10.48 43.63 2.62
N GLU B 118 -11.33 43.41 3.63
CA GLU B 118 -11.11 42.40 4.69
C GLU B 118 -11.88 41.09 4.44
N TYR B 119 -12.82 41.03 3.47
CA TYR B 119 -13.59 39.82 3.20
C TYR B 119 -13.64 39.45 1.73
N ILE B 120 -14.18 40.31 0.86
CA ILE B 120 -14.30 39.98 -0.55
C ILE B 120 -12.94 39.76 -1.21
N GLN B 121 -12.00 40.71 -1.08
CA GLN B 121 -10.68 40.58 -1.72
C GLN B 121 -9.91 39.34 -1.21
N PRO B 122 -9.71 39.13 0.12
CA PRO B 122 -9.02 37.91 0.57
C PRO B 122 -9.69 36.60 0.12
N VAL B 123 -11.03 36.49 0.23
CA VAL B 123 -11.78 35.28 -0.15
C VAL B 123 -11.63 34.99 -1.62
N GLN B 124 -11.90 35.97 -2.49
CA GLN B 124 -11.79 35.82 -3.93
C GLN B 124 -10.39 35.33 -4.35
N LEU B 125 -9.36 35.82 -3.67
CA LEU B 125 -7.96 35.44 -3.91
C LEU B 125 -7.71 33.99 -3.48
N ARG B 126 -8.33 33.55 -2.37
CA ARG B 126 -8.16 32.20 -1.85
C ARG B 126 -8.79 31.16 -2.76
N VAL B 127 -9.95 31.48 -3.40
CA VAL B 127 -10.60 30.56 -4.35
C VAL B 127 -9.75 30.47 -5.60
N LEU B 128 -9.06 31.57 -5.97
CA LEU B 128 -8.17 31.56 -7.14
C LEU B 128 -6.93 30.71 -6.87
N ASN B 129 -6.45 30.67 -5.60
CA ASN B 129 -5.33 29.84 -5.20
C ASN B 129 -5.72 28.36 -5.24
N VAL B 130 -6.99 28.07 -4.89
CA VAL B 130 -7.56 26.71 -4.91
C VAL B 130 -7.60 26.24 -6.37
N CYS B 131 -8.16 27.06 -7.26
CA CYS B 131 -8.25 26.78 -8.70
C CYS B 131 -6.86 26.49 -9.24
N ARG B 132 -5.86 27.30 -8.83
CA ARG B 132 -4.45 27.19 -9.24
C ARG B 132 -3.81 25.90 -8.73
N HIS B 133 -4.03 25.57 -7.45
CA HIS B 133 -3.49 24.34 -6.86
C HIS B 133 -4.13 23.10 -7.52
N TRP B 134 -5.45 23.18 -7.82
CA TRP B 134 -6.26 22.14 -8.46
C TRP B 134 -5.74 21.79 -9.87
N VAL B 135 -5.58 22.80 -10.74
CA VAL B 135 -5.06 22.59 -12.11
C VAL B 135 -3.60 22.17 -12.14
N GLU B 136 -2.80 22.66 -11.19
CA GLU B 136 -1.37 22.35 -11.12
C GLU B 136 -1.09 20.93 -10.63
N HIS B 137 -1.70 20.54 -9.49
CA HIS B 137 -1.44 19.27 -8.83
C HIS B 137 -2.45 18.17 -9.05
N HIS B 138 -3.71 18.50 -9.40
CA HIS B 138 -4.76 17.51 -9.63
C HIS B 138 -5.45 17.67 -10.98
N PHE B 139 -4.65 17.85 -12.05
CA PHE B 139 -5.17 18.04 -13.42
C PHE B 139 -5.97 16.86 -13.96
N TYR B 140 -5.77 15.66 -13.43
CA TYR B 140 -6.51 14.45 -13.87
C TYR B 140 -8.02 14.61 -13.83
N ASP B 141 -8.55 15.37 -12.85
CA ASP B 141 -9.98 15.66 -12.78
C ASP B 141 -10.49 16.33 -14.03
N PHE B 142 -9.64 17.17 -14.68
CA PHE B 142 -9.95 17.92 -15.89
C PHE B 142 -9.76 17.06 -17.13
N GLU B 143 -8.69 16.21 -17.17
CA GLU B 143 -8.40 15.27 -18.27
C GLU B 143 -9.52 14.25 -18.41
N ARG B 144 -10.13 13.90 -17.28
CA ARG B 144 -11.18 12.90 -17.16
C ARG B 144 -12.58 13.46 -17.39
N ASP B 145 -12.77 14.77 -17.25
CA ASP B 145 -14.04 15.45 -17.45
C ASP B 145 -13.80 16.77 -18.18
N ALA B 146 -13.90 16.76 -19.51
CA ALA B 146 -13.68 17.97 -20.31
C ALA B 146 -14.69 19.10 -20.01
N TYR B 147 -15.90 18.77 -19.54
CA TYR B 147 -16.87 19.81 -19.19
C TYR B 147 -16.42 20.54 -17.90
N LEU B 148 -15.73 19.83 -16.98
CA LEU B 148 -15.21 20.44 -15.76
C LEU B 148 -14.21 21.52 -16.15
N LEU B 149 -13.34 21.25 -17.14
CA LEU B 149 -12.36 22.24 -17.61
C LEU B 149 -13.06 23.40 -18.34
N GLN B 150 -14.11 23.09 -19.14
CA GLN B 150 -14.90 24.10 -19.87
C GLN B 150 -15.46 25.11 -18.86
N ARG B 151 -16.07 24.59 -17.79
CA ARG B 151 -16.61 25.40 -16.69
C ARG B 151 -15.50 26.19 -15.94
N MET B 152 -14.30 25.59 -15.73
CA MET B 152 -13.20 26.26 -15.05
C MET B 152 -12.77 27.45 -15.89
N GLU B 153 -12.48 27.21 -17.16
CA GLU B 153 -12.11 28.26 -18.11
C GLU B 153 -13.20 29.38 -18.21
N GLU B 154 -14.49 29.00 -18.23
CA GLU B 154 -15.60 29.98 -18.30
C GLU B 154 -15.58 30.86 -17.05
N PHE B 155 -15.45 30.23 -15.86
CA PHE B 155 -15.39 30.95 -14.58
C PHE B 155 -14.19 31.88 -14.57
N ILE B 156 -13.00 31.35 -14.84
CA ILE B 156 -11.74 32.12 -14.88
C ILE B 156 -11.84 33.29 -15.86
N GLY B 157 -12.64 33.16 -16.90
CA GLY B 157 -12.89 34.25 -17.84
C GLY B 157 -13.66 35.40 -17.21
N THR B 158 -14.74 35.08 -16.45
CA THR B 158 -15.56 36.11 -15.78
C THR B 158 -14.89 36.83 -14.58
N VAL B 159 -13.70 36.39 -14.12
CA VAL B 159 -13.01 37.02 -13.00
C VAL B 159 -12.45 38.36 -13.49
N ARG B 160 -12.76 39.46 -12.78
CA ARG B 160 -12.27 40.80 -13.11
C ARG B 160 -11.72 41.50 -11.86
N GLY B 161 -10.80 42.44 -12.09
CA GLY B 161 -10.13 43.22 -11.06
C GLY B 161 -8.63 43.27 -11.29
N LYS B 162 -7.99 44.39 -10.94
CA LYS B 162 -6.53 44.54 -11.10
C LYS B 162 -5.78 43.58 -10.15
N ALA B 163 -6.34 43.35 -8.95
CA ALA B 163 -5.77 42.45 -7.95
C ALA B 163 -5.78 40.96 -8.38
N MET B 164 -6.73 40.58 -9.26
CA MET B 164 -6.93 39.20 -9.71
C MET B 164 -6.13 38.86 -10.96
N LYS B 165 -5.96 39.79 -11.92
CA LYS B 165 -5.26 39.58 -13.21
C LYS B 165 -3.97 38.77 -13.12
N LYS B 166 -3.18 39.01 -12.07
CA LYS B 166 -1.91 38.30 -11.84
C LYS B 166 -2.16 36.77 -11.70
N TRP B 167 -3.18 36.39 -10.88
CA TRP B 167 -3.52 34.98 -10.59
C TRP B 167 -4.32 34.33 -11.73
N VAL B 168 -5.18 35.11 -12.42
CA VAL B 168 -5.98 34.65 -13.57
C VAL B 168 -5.07 34.27 -14.76
N GLU B 169 -4.01 35.05 -15.00
CA GLU B 169 -3.05 34.75 -16.08
C GLU B 169 -2.26 33.48 -15.75
N SER B 170 -1.85 33.33 -14.48
CA SER B 170 -1.10 32.15 -14.02
C SER B 170 -1.91 30.85 -14.18
N ILE B 171 -3.21 30.89 -13.90
CA ILE B 171 -4.10 29.73 -14.02
C ILE B 171 -4.20 29.36 -15.50
N THR B 172 -4.44 30.35 -16.35
CA THR B 172 -4.50 30.16 -17.79
C THR B 172 -3.17 29.60 -18.32
N LYS B 173 -2.04 30.08 -17.78
CA LYS B 173 -0.73 29.60 -18.19
C LYS B 173 -0.53 28.15 -17.79
N ILE B 174 -1.05 27.72 -16.62
CA ILE B 174 -0.95 26.31 -16.18
C ILE B 174 -1.84 25.43 -17.07
N ILE B 175 -3.11 25.81 -17.23
CA ILE B 175 -4.07 25.05 -18.03
C ILE B 175 -3.48 24.72 -19.38
N GLN B 176 -3.03 25.75 -20.11
CA GLN B 176 -2.42 25.58 -21.43
C GLN B 176 -1.14 24.69 -21.39
N ARG B 177 -0.32 24.82 -20.36
CA ARG B 177 0.85 23.95 -20.20
C ARG B 177 0.40 22.49 -19.97
N LYS B 178 -0.69 22.28 -19.20
CA LYS B 178 -1.22 20.94 -18.92
C LYS B 178 -1.87 20.33 -20.16
N LYS B 179 -2.57 21.16 -20.97
CA LYS B 179 -3.20 20.72 -22.22
C LYS B 179 -2.14 20.28 -23.25
N ILE B 180 -0.97 20.98 -23.32
CA ILE B 180 0.10 20.66 -24.30
C ILE B 180 0.67 19.26 -24.06
N ALA B 181 1.24 19.00 -22.85
CA ALA B 181 1.80 17.70 -22.46
C ALA B 181 2.91 17.21 -23.38
N GLN B 193 23.71 16.91 -11.94
CA GLN B 193 24.55 16.12 -11.04
C GLN B 193 25.98 15.89 -11.62
N SER B 194 26.84 15.16 -10.86
CA SER B 194 28.21 14.80 -11.25
C SER B 194 28.21 13.48 -12.09
N SER B 195 29.33 12.70 -12.12
CA SER B 195 29.42 11.45 -12.89
C SER B 195 29.11 10.19 -12.05
N PRO B 196 28.27 9.26 -12.57
CA PRO B 196 27.97 8.02 -11.84
C PRO B 196 29.06 6.94 -11.96
N PRO B 197 28.97 5.90 -11.14
CA PRO B 197 29.97 4.82 -11.24
C PRO B 197 29.98 4.10 -12.60
N THR B 198 31.14 3.50 -12.93
CA THR B 198 31.31 2.76 -14.18
C THR B 198 30.45 1.50 -14.15
N VAL B 199 29.75 1.24 -15.27
CA VAL B 199 28.91 0.06 -15.42
C VAL B 199 29.80 -1.16 -15.32
N GLU B 200 29.36 -2.11 -14.46
CA GLU B 200 30.06 -3.34 -14.12
C GLU B 200 29.61 -4.50 -15.00
N TRP B 201 30.60 -5.27 -15.56
CA TRP B 201 30.35 -6.45 -16.41
C TRP B 201 31.09 -7.67 -15.86
N HIS B 202 30.52 -8.87 -16.03
CA HIS B 202 31.12 -10.13 -15.56
C HIS B 202 31.35 -11.07 -16.79
N ILE B 203 30.68 -12.22 -16.87
CA ILE B 203 30.87 -13.18 -17.96
C ILE B 203 30.22 -12.61 -19.23
N SER B 204 28.99 -12.12 -19.13
CA SER B 204 28.30 -11.50 -20.26
C SER B 204 28.97 -10.16 -20.56
N ARG B 205 29.23 -9.91 -21.83
CA ARG B 205 29.89 -8.70 -22.28
C ARG B 205 28.89 -7.73 -22.89
N PRO B 206 29.23 -6.42 -23.02
CA PRO B 206 28.26 -5.46 -23.58
C PRO B 206 27.77 -5.84 -24.97
N GLY B 207 26.46 -5.75 -25.16
CA GLY B 207 25.79 -6.12 -26.41
C GLY B 207 25.37 -7.57 -26.55
N HIS B 208 26.00 -8.49 -25.80
CA HIS B 208 25.71 -9.93 -25.87
C HIS B 208 24.55 -10.34 -24.96
N ILE B 209 23.36 -9.81 -25.28
CA ILE B 209 22.11 -10.02 -24.55
C ILE B 209 21.64 -11.49 -24.50
N GLU B 210 22.10 -12.30 -25.46
CA GLU B 210 21.71 -13.70 -25.64
C GLU B 210 22.21 -14.57 -24.46
N THR B 211 23.31 -14.13 -23.81
CA THR B 211 23.95 -14.80 -22.68
C THR B 211 23.58 -14.19 -21.31
N PHE B 212 22.84 -13.06 -21.27
CA PHE B 212 22.45 -12.44 -20.02
C PHE B 212 21.61 -13.42 -19.21
N ASP B 213 21.96 -13.57 -17.91
CA ASP B 213 21.28 -14.44 -16.95
C ASP B 213 21.74 -14.01 -15.54
N LEU B 214 21.21 -14.65 -14.51
CA LEU B 214 21.54 -14.32 -13.12
C LEU B 214 23.02 -14.40 -12.80
N LEU B 215 23.69 -15.47 -13.23
CA LEU B 215 25.09 -15.70 -12.93
C LEU B 215 26.06 -15.07 -13.92
N THR B 216 25.61 -14.66 -15.13
CA THR B 216 26.49 -14.06 -16.15
C THR B 216 26.60 -12.54 -16.08
N LEU B 217 25.52 -11.87 -15.67
CA LEU B 217 25.55 -10.42 -15.51
C LEU B 217 26.25 -10.18 -14.15
N HIS B 218 26.80 -8.98 -13.94
CA HIS B 218 27.54 -8.69 -12.72
C HIS B 218 26.55 -8.49 -11.56
N PRO B 219 26.74 -9.13 -10.38
CA PRO B 219 25.78 -8.91 -9.28
C PRO B 219 25.56 -7.43 -8.91
N ILE B 220 26.58 -6.55 -9.08
CA ILE B 220 26.42 -5.12 -8.79
C ILE B 220 25.50 -4.50 -9.81
N GLU B 221 25.67 -4.85 -11.10
CA GLU B 221 24.83 -4.28 -12.15
C GLU B 221 23.39 -4.78 -12.15
N ILE B 222 23.15 -6.00 -11.68
CA ILE B 222 21.79 -6.53 -11.56
C ILE B 222 21.04 -5.63 -10.57
N ALA B 223 21.63 -5.45 -9.39
CA ALA B 223 21.10 -4.63 -8.32
C ALA B 223 20.92 -3.17 -8.70
N ARG B 224 21.84 -2.56 -9.46
CA ARG B 224 21.72 -1.16 -9.90
C ARG B 224 20.64 -0.99 -10.94
N GLN B 225 20.67 -1.84 -11.95
CA GLN B 225 19.68 -1.77 -13.01
C GLN B 225 18.26 -2.07 -12.51
N LEU B 226 18.11 -3.00 -11.54
CA LEU B 226 16.81 -3.28 -10.93
C LEU B 226 16.40 -2.14 -10.01
N THR B 227 17.37 -1.50 -9.33
CA THR B 227 17.09 -0.33 -8.47
C THR B 227 16.57 0.82 -9.33
N LEU B 228 17.13 1.02 -10.52
CA LEU B 228 16.64 2.07 -11.42
C LEU B 228 15.21 1.83 -11.89
N LEU B 229 14.89 0.57 -12.30
CA LEU B 229 13.55 0.17 -12.74
C LEU B 229 12.55 0.36 -11.64
N GLU B 230 12.88 -0.18 -10.47
CA GLU B 230 12.03 -0.14 -9.28
C GLU B 230 11.85 1.28 -8.76
N SER B 231 12.89 2.12 -8.88
CA SER B 231 12.83 3.55 -8.50
C SER B 231 11.88 4.29 -9.41
N ASP B 232 11.99 4.08 -10.71
CA ASP B 232 11.06 4.71 -11.65
C ASP B 232 9.61 4.23 -11.44
N LEU B 233 9.41 2.94 -11.15
CA LEU B 233 8.08 2.35 -10.92
C LEU B 233 7.46 2.96 -9.64
N TYR B 234 8.29 3.13 -8.62
CA TYR B 234 7.91 3.75 -7.37
C TYR B 234 7.47 5.21 -7.60
N ARG B 235 8.27 5.97 -8.35
CA ARG B 235 8.01 7.41 -8.62
C ARG B 235 6.81 7.73 -9.53
N ALA B 236 6.34 6.77 -10.32
CA ALA B 236 5.21 6.95 -11.24
C ALA B 236 3.85 6.83 -10.58
N VAL B 237 3.79 6.25 -9.34
CA VAL B 237 2.54 6.05 -8.60
C VAL B 237 2.04 7.40 -8.07
N GLN B 238 0.82 7.75 -8.42
CA GLN B 238 0.25 9.02 -7.99
C GLN B 238 -0.78 8.82 -6.87
N PRO B 239 -1.07 9.87 -6.06
CA PRO B 239 -2.08 9.74 -5.00
C PRO B 239 -3.49 9.35 -5.51
N SER B 240 -3.87 9.76 -6.73
CA SER B 240 -5.13 9.39 -7.41
C SER B 240 -5.32 7.88 -7.52
N GLU B 241 -4.20 7.12 -7.55
CA GLU B 241 -4.23 5.66 -7.59
C GLU B 241 -4.43 5.03 -6.19
N LEU B 242 -4.24 5.82 -5.11
CA LEU B 242 -4.23 5.35 -3.72
C LEU B 242 -5.38 5.82 -2.89
N VAL B 243 -5.69 7.12 -2.95
CA VAL B 243 -6.82 7.68 -2.19
C VAL B 243 -8.11 6.95 -2.62
N GLY B 244 -8.94 6.61 -1.65
CA GLY B 244 -10.16 5.86 -1.88
C GLY B 244 -9.96 4.37 -2.02
N SER B 245 -8.73 3.84 -1.69
CA SER B 245 -8.38 2.41 -1.78
C SER B 245 -8.78 1.81 -3.13
N VAL B 246 -8.67 2.63 -4.20
CA VAL B 246 -9.14 2.25 -5.54
C VAL B 246 -8.36 1.10 -6.20
N TRP B 247 -7.19 0.73 -5.67
CA TRP B 247 -6.35 -0.35 -6.21
C TRP B 247 -6.87 -1.72 -5.79
N THR B 248 -7.82 -1.77 -4.84
CA THR B 248 -8.44 -2.99 -4.32
C THR B 248 -9.83 -3.21 -4.91
N LYS B 249 -10.41 -2.18 -5.61
CA LYS B 249 -11.76 -2.20 -6.16
C LYS B 249 -11.78 -2.79 -7.55
N GLU B 250 -13.01 -3.06 -8.09
CA GLU B 250 -13.19 -3.71 -9.41
C GLU B 250 -12.49 -2.99 -10.57
N ASP B 251 -12.43 -1.65 -10.53
CA ASP B 251 -11.78 -0.84 -11.57
C ASP B 251 -10.32 -0.52 -11.25
N LYS B 252 -9.67 -1.35 -10.43
CA LYS B 252 -8.26 -1.16 -10.07
C LYS B 252 -7.33 -1.07 -11.27
N GLU B 253 -7.60 -1.80 -12.36
CA GLU B 253 -6.76 -1.78 -13.57
C GLU B 253 -6.82 -0.45 -14.32
N ILE B 254 -7.96 0.25 -14.20
CA ILE B 254 -8.18 1.58 -14.80
C ILE B 254 -7.60 2.68 -13.89
N ASN B 255 -7.82 2.56 -12.57
CA ASN B 255 -7.49 3.61 -11.62
C ASN B 255 -6.14 3.53 -10.96
N SER B 256 -5.53 2.35 -10.85
CA SER B 256 -4.20 2.18 -10.22
C SER B 256 -3.20 1.47 -11.14
N PRO B 257 -3.05 1.87 -12.41
CA PRO B 257 -2.16 1.14 -13.32
C PRO B 257 -0.68 1.19 -13.00
N ASN B 258 -0.16 2.32 -12.53
CA ASN B 258 1.27 2.44 -12.18
C ASN B 258 1.59 1.68 -10.92
N LEU B 259 0.68 1.70 -9.94
CA LEU B 259 0.89 0.90 -8.73
C LEU B 259 0.94 -0.59 -9.07
N LEU B 260 0.01 -1.07 -9.87
CA LEU B 260 -0.04 -2.49 -10.23
C LEU B 260 1.15 -2.96 -11.07
N LYS B 261 1.65 -2.15 -12.02
CA LYS B 261 2.87 -2.49 -12.77
C LYS B 261 4.03 -2.66 -11.80
N MET B 262 4.13 -1.74 -10.82
CA MET B 262 5.16 -1.75 -9.79
C MET B 262 5.07 -3.03 -8.98
N ILE B 263 3.89 -3.40 -8.47
CA ILE B 263 3.70 -4.65 -7.68
C ILE B 263 4.00 -5.87 -8.52
N ARG B 264 3.53 -5.87 -9.77
CA ARG B 264 3.77 -7.00 -10.68
C ARG B 264 5.23 -7.23 -11.05
N HIS B 265 6.05 -6.15 -11.19
CA HIS B 265 7.50 -6.30 -11.41
C HIS B 265 8.09 -6.96 -10.17
N THR B 266 7.80 -6.43 -8.99
CA THR B 266 8.26 -6.98 -7.72
C THR B 266 7.93 -8.47 -7.60
N THR B 267 6.67 -8.82 -7.90
CA THR B 267 6.22 -10.21 -7.86
C THR B 267 6.99 -11.04 -8.86
N ASN B 268 7.21 -10.51 -10.06
CA ASN B 268 7.97 -11.21 -11.09
C ASN B 268 9.40 -11.50 -10.68
N LEU B 269 10.07 -10.54 -10.05
CA LEU B 269 11.46 -10.75 -9.60
C LEU B 269 11.57 -11.79 -8.49
N THR B 270 10.59 -11.84 -7.56
CA THR B 270 10.57 -12.86 -6.50
C THR B 270 10.43 -14.24 -7.13
N LEU B 271 9.46 -14.38 -8.04
CA LEU B 271 9.24 -15.62 -8.77
C LEU B 271 10.45 -16.03 -9.62
N TRP B 272 11.12 -15.07 -10.29
CA TRP B 272 12.31 -15.33 -11.09
C TRP B 272 13.43 -15.85 -10.20
N PHE B 273 13.60 -15.25 -9.01
CA PHE B 273 14.62 -15.69 -8.06
C PHE B 273 14.35 -17.10 -7.61
N GLU B 274 13.09 -17.43 -7.29
CA GLU B 274 12.75 -18.80 -6.88
C GLU B 274 13.03 -19.81 -8.02
N LYS B 275 12.61 -19.48 -9.24
CA LYS B 275 12.73 -20.30 -10.45
C LYS B 275 14.20 -20.62 -10.70
N CYS B 276 15.06 -19.60 -10.66
CA CYS B 276 16.52 -19.73 -10.82
C CYS B 276 17.03 -20.76 -9.82
N ILE B 277 16.58 -20.63 -8.55
CA ILE B 277 17.02 -21.54 -7.48
C ILE B 277 16.58 -22.97 -7.74
N VAL B 278 15.28 -23.23 -7.77
CA VAL B 278 14.78 -24.62 -7.85
C VAL B 278 15.01 -25.30 -9.24
N GLU B 279 15.32 -24.53 -10.31
CA GLU B 279 15.65 -25.12 -11.62
C GLU B 279 17.13 -25.40 -11.73
N THR B 280 17.93 -25.04 -10.74
CA THR B 280 19.35 -25.39 -10.70
C THR B 280 19.37 -26.65 -9.85
N GLU B 281 19.28 -27.81 -10.51
CA GLU B 281 19.11 -29.09 -9.80
C GLU B 281 20.38 -29.56 -9.13
N ASN B 282 21.54 -29.23 -9.71
CA ASN B 282 22.84 -29.57 -9.12
C ASN B 282 23.07 -28.72 -7.88
N LEU B 283 23.37 -29.35 -6.74
CA LEU B 283 23.57 -28.67 -5.46
C LEU B 283 24.65 -27.58 -5.46
N GLU B 284 25.84 -27.84 -6.01
CA GLU B 284 26.94 -26.88 -6.05
C GLU B 284 26.56 -25.62 -6.82
N GLU B 285 25.89 -25.79 -7.95
CA GLU B 285 25.42 -24.70 -8.78
C GLU B 285 24.29 -23.93 -8.07
N ARG B 286 23.42 -24.64 -7.33
CA ARG B 286 22.32 -24.00 -6.62
C ARG B 286 22.81 -23.20 -5.42
N VAL B 287 23.88 -23.66 -4.79
CA VAL B 287 24.54 -22.93 -3.70
C VAL B 287 25.08 -21.63 -4.29
N ALA B 288 25.69 -21.70 -5.48
CA ALA B 288 26.20 -20.53 -6.19
C ALA B 288 25.09 -19.52 -6.56
N VAL B 289 23.90 -20.02 -6.91
CA VAL B 289 22.72 -19.22 -7.27
C VAL B 289 22.17 -18.48 -6.05
N VAL B 290 21.96 -19.16 -4.94
CA VAL B 290 21.45 -18.55 -3.71
C VAL B 290 22.45 -17.52 -3.24
N SER B 291 23.73 -17.89 -3.26
CA SER B 291 24.80 -17.00 -2.80
C SER B 291 24.87 -15.69 -3.60
N ARG B 292 24.74 -15.76 -4.96
CA ARG B 292 24.70 -14.59 -5.84
C ARG B 292 23.50 -13.69 -5.58
N ILE B 293 22.33 -14.30 -5.29
CA ILE B 293 21.10 -13.55 -4.99
C ILE B 293 21.28 -12.80 -3.68
N ILE B 294 21.98 -13.41 -2.70
CA ILE B 294 22.27 -12.74 -1.43
C ILE B 294 23.25 -11.57 -1.68
N GLU B 295 24.13 -11.69 -2.69
CA GLU B 295 25.05 -10.59 -3.05
C GLU B 295 24.26 -9.45 -3.68
N ILE B 296 23.25 -9.77 -4.51
CA ILE B 296 22.33 -8.79 -5.10
C ILE B 296 21.57 -8.06 -3.95
N LEU B 297 21.17 -8.80 -2.92
CA LEU B 297 20.50 -8.25 -1.72
C LEU B 297 21.41 -7.26 -0.98
N GLN B 298 22.67 -7.65 -0.77
CA GLN B 298 23.69 -6.81 -0.12
C GLN B 298 23.80 -5.44 -0.82
N VAL B 299 23.81 -5.45 -2.15
CA VAL B 299 23.87 -4.21 -2.95
C VAL B 299 22.54 -3.45 -2.85
N PHE B 300 21.39 -4.14 -2.82
CA PHE B 300 20.10 -3.46 -2.63
C PHE B 300 20.14 -2.74 -1.29
N GLN B 301 20.69 -3.39 -0.23
CA GLN B 301 20.84 -2.76 1.08
C GLN B 301 21.72 -1.48 0.96
N GLU B 302 22.86 -1.58 0.27
CA GLU B 302 23.75 -0.43 0.06
C GLU B 302 23.01 0.75 -0.58
N LEU B 303 22.21 0.46 -1.61
CA LEU B 303 21.43 1.43 -2.37
C LEU B 303 20.13 1.88 -1.71
N ASN B 304 19.78 1.38 -0.52
CA ASN B 304 18.49 1.69 0.11
C ASN B 304 17.28 1.29 -0.78
N ASN B 305 17.37 0.16 -1.49
CA ASN B 305 16.28 -0.33 -2.32
C ASN B 305 15.59 -1.39 -1.48
N PHE B 306 14.65 -0.95 -0.61
CA PHE B 306 13.96 -1.86 0.28
C PHE B 306 12.95 -2.75 -0.46
N ASN B 307 12.45 -2.30 -1.62
CA ASN B 307 11.57 -3.12 -2.43
C ASN B 307 12.39 -4.33 -2.93
N GLY B 308 13.60 -4.06 -3.44
CA GLY B 308 14.55 -5.07 -3.87
C GLY B 308 14.95 -5.98 -2.72
N VAL B 309 15.34 -5.41 -1.56
CA VAL B 309 15.68 -6.22 -0.39
C VAL B 309 14.57 -7.23 -0.14
N LEU B 310 13.31 -6.77 -0.10
CA LEU B 310 12.17 -7.62 0.23
C LEU B 310 11.78 -8.61 -0.88
N GLU B 311 12.07 -8.31 -2.16
CA GLU B 311 11.88 -9.22 -3.27
C GLU B 311 12.69 -10.47 -2.99
N VAL B 312 13.93 -10.27 -2.47
CA VAL B 312 14.85 -11.35 -2.17
C VAL B 312 14.43 -12.08 -0.93
N VAL B 313 14.02 -11.37 0.14
CA VAL B 313 13.56 -12.04 1.38
C VAL B 313 12.31 -12.88 1.09
N SER B 314 11.37 -12.37 0.28
CA SER B 314 10.14 -13.12 -0.07
C SER B 314 10.45 -14.43 -0.81
N ALA B 315 11.36 -14.39 -1.79
CA ALA B 315 11.84 -15.57 -2.53
C ALA B 315 12.48 -16.55 -1.58
N MET B 316 13.34 -16.10 -0.67
CA MET B 316 13.99 -16.99 0.29
C MET B 316 13.03 -17.61 1.30
N ASN B 317 11.96 -16.92 1.64
CA ASN B 317 10.97 -17.41 2.58
C ASN B 317 9.82 -18.10 1.88
N SER B 318 9.86 -18.26 0.55
CA SER B 318 8.82 -18.97 -0.18
C SER B 318 8.91 -20.45 0.14
N SER B 319 7.81 -21.18 -0.07
CA SER B 319 7.76 -22.60 0.25
C SER B 319 8.75 -23.42 -0.51
N PRO B 320 8.97 -23.20 -1.81
CA PRO B 320 9.99 -23.99 -2.52
C PRO B 320 11.43 -23.76 -2.07
N VAL B 321 11.78 -22.53 -1.65
CA VAL B 321 13.17 -22.15 -1.31
C VAL B 321 13.46 -22.35 0.18
N TYR B 322 12.55 -21.96 1.08
CA TYR B 322 12.76 -22.10 2.52
C TYR B 322 13.24 -23.50 2.97
N ARG B 323 12.67 -24.55 2.37
CA ARG B 323 12.94 -25.93 2.72
C ARG B 323 14.27 -26.53 2.19
N LEU B 324 15.06 -25.77 1.41
CA LEU B 324 16.30 -26.26 0.81
C LEU B 324 17.50 -26.19 1.78
N ASP B 325 17.45 -27.01 2.85
CA ASP B 325 18.45 -27.11 3.93
C ASP B 325 19.83 -27.48 3.44
N HIS B 326 19.94 -28.42 2.47
CA HIS B 326 21.27 -28.81 1.95
C HIS B 326 21.94 -27.67 1.18
N THR B 327 21.17 -26.72 0.63
CA THR B 327 21.69 -25.56 -0.12
C THR B 327 22.13 -24.52 0.88
N PHE B 328 21.26 -24.18 1.84
CA PHE B 328 21.57 -23.16 2.85
C PHE B 328 22.74 -23.56 3.77
N GLU B 329 22.98 -24.86 4.04
CA GLU B 329 24.09 -25.34 4.88
C GLU B 329 25.47 -24.98 4.25
N GLN B 330 25.54 -25.03 2.91
CA GLN B 330 26.75 -24.74 2.14
C GLN B 330 26.94 -23.24 1.87
N ILE B 331 26.00 -22.38 2.35
CA ILE B 331 26.10 -20.93 2.13
C ILE B 331 27.07 -20.35 3.17
N PRO B 332 28.02 -19.47 2.75
CA PRO B 332 28.95 -18.87 3.72
C PRO B 332 28.24 -18.12 4.83
N SER B 333 28.73 -18.28 6.06
CA SER B 333 28.16 -17.61 7.25
C SER B 333 27.95 -16.11 7.10
N ARG B 334 28.90 -15.41 6.44
CA ARG B 334 28.75 -13.98 6.20
C ARG B 334 27.42 -13.71 5.49
N GLN B 335 27.12 -14.50 4.45
CA GLN B 335 25.90 -14.41 3.64
C GLN B 335 24.66 -14.86 4.38
N LYS B 336 24.79 -15.85 5.27
CA LYS B 336 23.67 -16.26 6.12
C LYS B 336 23.24 -15.09 7.01
N LYS B 337 24.24 -14.39 7.60
CA LYS B 337 24.02 -13.25 8.48
C LYS B 337 23.42 -12.07 7.72
N ILE B 338 23.85 -11.81 6.47
CA ILE B 338 23.27 -10.76 5.63
C ILE B 338 21.78 -11.04 5.40
N LEU B 339 21.44 -12.28 5.04
CA LEU B 339 20.06 -12.64 4.75
C LEU B 339 19.23 -12.61 6.02
N GLU B 340 19.82 -13.04 7.12
CA GLU B 340 19.13 -13.03 8.40
C GLU B 340 18.76 -11.61 8.85
N GLU B 341 19.63 -10.60 8.64
CA GLU B 341 19.33 -9.22 9.05
C GLU B 341 18.25 -8.63 8.18
N ALA B 342 18.25 -8.99 6.88
CA ALA B 342 17.23 -8.55 5.93
C ALA B 342 15.90 -9.14 6.33
N HIS B 343 15.84 -10.43 6.63
CA HIS B 343 14.61 -11.06 7.13
C HIS B 343 14.05 -10.35 8.36
N GLU B 344 14.93 -10.00 9.30
CA GLU B 344 14.55 -9.33 10.54
C GLU B 344 13.92 -7.96 10.36
N LEU B 345 14.15 -7.30 9.21
CA LEU B 345 13.51 -6.02 8.88
C LEU B 345 11.99 -6.20 8.87
N SER B 346 11.53 -7.35 8.34
CA SER B 346 10.12 -7.73 8.16
C SER B 346 9.43 -8.21 9.42
N GLU B 347 10.21 -8.66 10.39
CA GLU B 347 9.72 -9.18 11.66
C GLU B 347 9.04 -8.13 12.51
N ASP B 348 8.09 -8.57 13.32
CA ASP B 348 7.33 -7.72 14.24
C ASP B 348 6.69 -6.55 13.51
N HIS B 349 5.88 -6.87 12.49
CA HIS B 349 5.14 -5.91 11.69
C HIS B 349 6.00 -4.78 11.15
N TYR B 350 7.16 -5.16 10.55
CA TYR B 350 8.12 -4.26 9.92
C TYR B 350 8.75 -3.22 10.88
N LYS B 351 8.93 -3.56 12.19
CA LYS B 351 9.49 -2.64 13.21
C LYS B 351 10.87 -2.09 12.82
N LYS B 352 11.79 -2.98 12.51
CA LYS B 352 13.13 -2.60 12.10
C LYS B 352 13.14 -1.95 10.71
N TYR B 353 12.28 -2.42 9.76
CA TYR B 353 12.18 -1.80 8.43
C TYR B 353 11.79 -0.36 8.58
N LEU B 354 10.70 -0.11 9.32
CA LEU B 354 10.16 1.23 9.61
C LEU B 354 11.20 2.18 10.20
N ALA B 355 11.93 1.75 11.26
CA ALA B 355 13.01 2.56 11.82
C ALA B 355 14.12 2.80 10.79
N LYS B 356 14.55 1.77 10.07
CA LYS B 356 15.63 1.93 9.10
C LYS B 356 15.27 2.94 7.99
N LEU B 357 14.02 2.91 7.48
CA LEU B 357 13.54 3.83 6.45
C LEU B 357 13.54 5.25 7.00
N ARG B 358 12.99 5.45 8.21
CA ARG B 358 12.99 6.77 8.87
C ARG B 358 14.40 7.39 9.04
N SER B 359 15.43 6.56 9.26
CA SER B 359 16.81 7.01 9.50
C SER B 359 17.61 7.37 8.24
N ILE B 360 17.39 6.66 7.15
CA ILE B 360 18.13 6.94 5.91
C ILE B 360 17.55 8.18 5.21
N ASN B 361 18.32 8.73 4.27
CA ASN B 361 17.84 9.83 3.44
C ASN B 361 17.84 9.40 1.96
N PRO B 362 17.00 10.04 1.12
CA PRO B 362 16.99 9.71 -0.33
C PRO B 362 18.37 9.74 -1.03
N PRO B 363 18.52 9.06 -2.18
CA PRO B 363 17.52 8.23 -2.87
C PRO B 363 17.33 6.89 -2.19
N CYS B 364 16.10 6.42 -2.14
CA CYS B 364 15.73 5.09 -1.68
C CYS B 364 14.51 4.59 -2.45
N VAL B 365 14.23 3.29 -2.36
CA VAL B 365 13.04 2.70 -2.95
C VAL B 365 12.30 2.04 -1.83
N PRO B 366 11.30 2.72 -1.23
CA PRO B 366 10.52 2.08 -0.17
C PRO B 366 9.69 0.86 -0.62
N PHE B 367 9.31 0.02 0.36
CA PHE B 367 8.40 -1.10 0.17
C PHE B 367 6.96 -0.51 0.29
N PHE B 368 6.22 -0.52 -0.82
CA PHE B 368 4.89 0.09 -0.87
C PHE B 368 3.80 -0.59 -0.04
N GLY B 369 3.91 -1.89 0.17
CA GLY B 369 2.88 -2.67 0.81
C GLY B 369 2.34 -2.13 2.13
N ILE B 370 3.23 -1.57 2.95
CA ILE B 370 2.88 -1.00 4.24
C ILE B 370 1.92 0.16 4.04
N TYR B 371 2.27 1.08 3.12
CA TYR B 371 1.42 2.24 2.78
C TYR B 371 0.04 1.85 2.32
N LEU B 372 -0.04 0.81 1.50
CA LEU B 372 -1.30 0.26 0.97
C LEU B 372 -2.19 -0.22 2.10
N THR B 373 -1.65 -1.06 2.97
CA THR B 373 -2.41 -1.52 4.15
C THR B 373 -2.84 -0.40 5.09
N ASN B 374 -1.98 0.58 5.34
CA ASN B 374 -2.32 1.70 6.23
C ASN B 374 -3.38 2.64 5.65
N ILE B 375 -3.36 2.88 4.34
CA ILE B 375 -4.41 3.70 3.70
C ILE B 375 -5.72 2.95 3.76
N LEU B 376 -5.74 1.69 3.35
CA LEU B 376 -6.97 0.88 3.36
C LEU B 376 -7.65 0.85 4.71
N LYS B 377 -6.89 0.47 5.75
CA LYS B 377 -7.36 0.37 7.12
C LYS B 377 -7.74 1.69 7.72
N THR B 378 -7.14 2.80 7.27
CA THR B 378 -7.50 4.14 7.73
C THR B 378 -8.87 4.43 7.19
N GLU B 379 -9.08 4.16 5.89
CA GLU B 379 -10.37 4.41 5.26
C GLU B 379 -11.46 3.50 5.72
N GLU B 380 -11.17 2.19 5.86
CA GLU B 380 -12.16 1.22 6.30
C GLU B 380 -12.39 1.23 7.82
N GLY B 381 -11.40 1.67 8.60
CA GLY B 381 -11.52 1.70 10.05
C GLY B 381 -12.00 2.98 10.69
N ASN B 382 -12.40 3.97 9.87
CA ASN B 382 -12.89 5.27 10.34
C ASN B 382 -14.12 5.63 9.55
N PRO B 383 -15.07 6.31 10.21
CA PRO B 383 -16.33 6.64 9.54
C PRO B 383 -16.24 7.80 8.59
N GLU B 384 -16.99 7.71 7.50
CA GLU B 384 -17.06 8.76 6.51
C GLU B 384 -17.66 10.05 7.12
N VAL B 385 -18.54 9.87 8.13
CA VAL B 385 -19.30 10.93 8.76
C VAL B 385 -19.36 10.79 10.28
N LEU B 386 -19.37 11.95 10.95
CA LEU B 386 -19.52 12.08 12.39
C LEU B 386 -20.83 12.80 12.57
N LYS B 387 -21.62 12.41 13.56
CA LYS B 387 -22.92 13.04 13.77
C LYS B 387 -22.88 13.85 15.07
N ARG B 388 -23.23 15.13 14.98
CA ARG B 388 -23.22 16.05 16.13
C ARG B 388 -24.56 16.75 16.18
N HIS B 389 -25.31 16.56 17.30
CA HIS B 389 -26.64 17.14 17.47
C HIS B 389 -27.60 16.75 16.32
N GLY B 390 -27.48 15.51 15.83
CA GLY B 390 -28.30 14.98 14.74
C GLY B 390 -27.91 15.39 13.34
N LYS B 391 -26.92 16.32 13.17
CA LYS B 391 -26.48 16.79 11.84
C LYS B 391 -25.23 16.00 11.40
N GLU B 392 -25.18 15.58 10.12
CA GLU B 392 -24.02 14.85 9.62
C GLU B 392 -22.89 15.82 9.30
N LEU B 393 -21.68 15.52 9.80
CA LEU B 393 -20.44 16.26 9.51
C LEU B 393 -19.46 15.34 8.79
N ILE B 394 -18.84 15.83 7.71
CA ILE B 394 -17.85 15.07 6.97
C ILE B 394 -16.64 14.88 7.88
N ASN B 395 -16.16 13.65 8.02
CA ASN B 395 -15.00 13.37 8.86
C ASN B 395 -13.72 13.71 8.08
N PHE B 396 -13.15 14.88 8.34
CA PHE B 396 -11.98 15.35 7.62
C PHE B 396 -10.69 14.75 8.16
N SER B 397 -10.65 14.47 9.46
CA SER B 397 -9.46 13.89 10.10
C SER B 397 -9.03 12.56 9.50
N LYS B 398 -9.99 11.72 9.17
CA LYS B 398 -9.81 10.47 8.45
C LYS B 398 -9.06 10.72 7.13
N ARG B 399 -9.48 11.75 6.39
CA ARG B 399 -8.85 12.16 5.12
C ARG B 399 -7.43 12.71 5.30
N ARG B 400 -7.24 13.58 6.29
CA ARG B 400 -5.94 14.09 6.67
C ARG B 400 -4.98 12.94 6.91
N LYS B 401 -5.39 11.93 7.68
CA LYS B 401 -4.55 10.77 7.96
C LYS B 401 -4.11 10.03 6.71
N VAL B 402 -4.98 9.99 5.66
CA VAL B 402 -4.65 9.36 4.38
C VAL B 402 -3.66 10.23 3.57
N ALA B 403 -3.88 11.57 3.58
CA ALA B 403 -3.02 12.56 2.91
C ALA B 403 -1.64 12.58 3.57
N GLU B 404 -1.55 12.26 4.87
CA GLU B 404 -0.27 12.12 5.56
C GLU B 404 0.53 10.95 4.99
N ILE B 405 -0.15 9.82 4.68
CA ILE B 405 0.51 8.65 4.10
C ILE B 405 0.95 8.95 2.67
N THR B 406 0.08 9.56 1.84
CA THR B 406 0.46 9.89 0.47
C THR B 406 1.59 10.92 0.42
N GLY B 407 1.66 11.82 1.40
CA GLY B 407 2.74 12.81 1.49
C GLY B 407 4.06 12.12 1.77
N GLU B 408 4.07 11.16 2.72
CA GLU B 408 5.27 10.37 3.00
C GLU B 408 5.71 9.57 1.77
N ILE B 409 4.76 9.06 0.93
CA ILE B 409 5.13 8.35 -0.30
C ILE B 409 5.87 9.33 -1.20
N GLN B 410 5.34 10.54 -1.37
CA GLN B 410 5.89 11.56 -2.27
C GLN B 410 7.26 12.08 -1.86
N GLN B 411 7.55 12.11 -0.54
CA GLN B 411 8.84 12.61 -0.08
C GLN B 411 9.98 11.76 -0.57
N TYR B 412 9.75 10.45 -0.78
CA TYR B 412 10.77 9.56 -1.34
C TYR B 412 10.78 9.51 -2.88
N GLN B 413 9.80 10.16 -3.56
CA GLN B 413 9.71 10.19 -5.03
C GLN B 413 10.48 11.33 -5.70
N ASN B 414 11.11 12.23 -4.93
CA ASN B 414 11.72 13.42 -5.48
C ASN B 414 13.11 13.19 -6.00
N GLN B 415 13.91 12.49 -5.19
CA GLN B 415 15.32 12.24 -5.47
C GLN B 415 15.61 10.99 -6.34
N PRO B 416 16.35 11.17 -7.45
CA PRO B 416 16.78 10.02 -8.26
C PRO B 416 18.15 9.51 -7.86
N TYR B 417 18.48 8.31 -8.32
CA TYR B 417 19.77 7.68 -8.09
C TYR B 417 20.79 8.18 -9.10
N CYS B 418 22.04 8.32 -8.62
CA CYS B 418 23.12 8.71 -9.51
C CYS B 418 23.74 7.40 -9.98
N LEU B 419 23.06 6.78 -10.96
CA LEU B 419 23.43 5.52 -11.57
C LEU B 419 23.08 5.58 -13.05
N ARG B 420 24.03 5.16 -13.91
CA ARG B 420 23.85 5.13 -15.34
C ARG B 420 22.99 3.93 -15.74
N VAL B 421 21.97 4.16 -16.57
CA VAL B 421 21.11 3.11 -17.11
C VAL B 421 21.92 2.33 -18.17
N GLU B 422 21.72 1.01 -18.26
CA GLU B 422 22.28 0.14 -19.28
C GLU B 422 21.00 -0.40 -19.94
N SER B 423 20.72 0.06 -21.14
CA SER B 423 19.49 -0.23 -21.84
C SER B 423 19.23 -1.69 -22.15
N ASP B 424 20.26 -2.52 -22.28
CA ASP B 424 20.08 -3.95 -22.55
C ASP B 424 19.78 -4.73 -21.25
N ILE B 425 20.45 -4.38 -20.14
CA ILE B 425 20.23 -5.04 -18.86
C ILE B 425 18.83 -4.64 -18.40
N LYS B 426 18.50 -3.35 -18.53
CA LYS B 426 17.18 -2.81 -18.20
C LYS B 426 16.10 -3.61 -18.91
N ARG B 427 16.23 -3.76 -20.25
CA ARG B 427 15.26 -4.49 -21.08
C ARG B 427 15.13 -5.96 -20.67
N PHE B 428 16.25 -6.62 -20.41
CA PHE B 428 16.25 -8.00 -19.93
C PHE B 428 15.35 -8.18 -18.67
N PHE B 429 15.46 -7.27 -17.69
CA PHE B 429 14.67 -7.32 -16.46
C PHE B 429 13.24 -6.89 -16.70
N GLU B 430 13.01 -5.93 -17.57
CA GLU B 430 11.64 -5.52 -17.90
C GLU B 430 10.86 -6.64 -18.55
N ASN B 431 11.50 -7.47 -19.38
CA ASN B 431 10.85 -8.56 -20.11
C ASN B 431 10.94 -9.92 -19.45
N LEU B 432 11.52 -10.05 -18.23
CA LEU B 432 11.49 -11.34 -17.53
C LEU B 432 10.03 -11.80 -17.43
N ASN B 433 9.77 -13.07 -17.74
CA ASN B 433 8.46 -13.67 -17.61
C ASN B 433 8.63 -15.12 -17.09
N PRO B 434 8.94 -15.24 -15.77
CA PRO B 434 9.18 -16.57 -15.21
C PRO B 434 7.98 -17.52 -15.25
N MET B 435 6.76 -17.01 -15.13
CA MET B 435 5.56 -17.84 -15.20
C MET B 435 5.27 -18.36 -16.61
N GLY B 436 5.65 -17.60 -17.63
CA GLY B 436 5.36 -17.96 -19.00
C GLY B 436 3.87 -17.83 -19.25
N ASN B 437 3.27 -18.83 -19.90
CA ASN B 437 1.82 -18.88 -20.15
C ASN B 437 1.04 -19.55 -18.98
N SER B 438 1.72 -20.02 -17.93
CA SER B 438 1.09 -20.71 -16.80
C SER B 438 0.35 -19.78 -15.87
N MET B 439 -0.61 -20.33 -15.15
CA MET B 439 -1.36 -19.56 -14.17
C MET B 439 -0.61 -19.71 -12.85
N GLU B 440 -0.97 -18.87 -11.88
CA GLU B 440 -0.32 -18.80 -10.59
C GLU B 440 -0.24 -20.15 -9.89
N LYS B 441 -1.36 -20.90 -9.77
CA LYS B 441 -1.37 -22.20 -9.07
C LYS B 441 -0.44 -23.20 -9.77
N GLU B 442 -0.67 -23.37 -11.06
CA GLU B 442 0.12 -24.22 -11.97
C GLU B 442 1.64 -23.99 -11.71
N PHE B 443 2.07 -22.70 -11.78
CA PHE B 443 3.47 -22.30 -11.64
C PHE B 443 4.06 -22.48 -10.25
N THR B 444 3.33 -22.11 -9.20
CA THR B 444 3.86 -22.23 -7.85
C THR B 444 3.88 -23.67 -7.39
N ASP B 445 3.05 -24.52 -7.99
CA ASP B 445 3.02 -25.98 -7.74
C ASP B 445 4.19 -26.58 -8.45
N TYR B 446 4.49 -26.10 -9.65
CA TYR B 446 5.67 -26.54 -10.40
C TYR B 446 6.97 -26.21 -9.64
N LEU B 447 7.06 -25.01 -9.05
CA LEU B 447 8.22 -24.60 -8.28
C LEU B 447 8.39 -25.47 -7.05
N PHE B 448 7.28 -25.74 -6.36
CA PHE B 448 7.28 -26.59 -5.18
C PHE B 448 7.60 -28.05 -5.51
N ASN B 449 7.05 -28.56 -6.62
CA ASN B 449 7.38 -29.92 -7.02
C ASN B 449 8.86 -30.00 -7.47
N LYS B 450 9.41 -28.91 -8.02
CA LYS B 450 10.85 -28.87 -8.37
C LYS B 450 11.67 -28.94 -7.11
N SER B 451 11.29 -28.17 -6.08
CA SER B 451 11.95 -28.17 -4.79
C SER B 451 12.01 -29.60 -4.16
N LEU B 452 10.87 -30.29 -4.09
CA LEU B 452 10.80 -31.67 -3.58
C LEU B 452 11.64 -32.63 -4.43
N GLU B 453 11.77 -32.41 -5.74
CA GLU B 453 12.59 -33.27 -6.59
C GLU B 453 14.08 -33.12 -6.29
N ILE B 454 14.55 -31.87 -6.20
CA ILE B 454 15.99 -31.58 -6.02
C ILE B 454 16.46 -31.87 -4.58
N GLU B 455 15.60 -31.66 -3.59
CA GLU B 455 15.89 -31.98 -2.19
C GLU B 455 14.70 -32.70 -1.60
N PRO B 456 14.59 -34.03 -1.81
CA PRO B 456 13.41 -34.76 -1.30
C PRO B 456 13.16 -34.67 0.20
N ARG B 457 11.91 -34.93 0.58
CA ARG B 457 11.46 -34.90 1.96
C ARG B 457 12.10 -36.10 2.71
N ASN B 458 12.64 -35.85 3.90
CA ASN B 458 13.24 -36.94 4.68
C ASN B 458 12.22 -38.07 4.92
N PRO B 459 12.67 -39.34 5.00
CA PRO B 459 14.05 -39.82 4.99
C PRO B 459 14.51 -40.25 3.58
N LYS B 460 14.00 -39.61 2.51
CA LYS B 460 14.42 -39.93 1.15
C LYS B 460 15.85 -39.42 0.96
N PRO B 461 16.75 -40.26 0.38
CA PRO B 461 18.15 -39.83 0.19
C PRO B 461 18.28 -38.64 -0.76
N LEU B 462 19.36 -37.85 -0.59
CA LEU B 462 19.57 -36.69 -1.47
C LEU B 462 20.09 -37.20 -2.81
N PRO B 463 19.36 -37.04 -3.94
CA PRO B 463 19.92 -37.49 -5.22
C PRO B 463 21.03 -36.55 -5.69
N ARG B 464 21.66 -36.88 -6.82
CA ARG B 464 22.64 -35.99 -7.45
C ARG B 464 22.12 -35.66 -8.81
N PHE B 465 22.49 -34.50 -9.30
CA PHE B 465 22.03 -34.02 -10.60
C PHE B 465 23.19 -33.44 -11.34
N PRO B 466 23.14 -33.52 -12.68
CA PRO B 466 24.24 -32.95 -13.47
C PRO B 466 24.24 -31.43 -13.52
N LYS B 467 25.42 -30.89 -13.79
CA LYS B 467 25.62 -29.46 -13.95
C LYS B 467 24.90 -28.99 -15.24
N LYS B 468 24.43 -27.74 -15.23
CA LYS B 468 23.76 -27.07 -16.35
C LYS B 468 24.55 -25.84 -16.84
N TYR B 469 25.55 -25.36 -16.05
CA TYR B 469 26.33 -24.17 -16.36
C TYR B 469 27.71 -24.54 -16.87
N SER B 470 28.00 -24.08 -18.09
CA SER B 470 29.25 -24.30 -18.82
C SER B 470 30.13 -23.04 -18.73
N TYR B 471 30.10 -22.32 -17.59
CA TYR B 471 30.90 -21.13 -17.34
C TYR B 471 31.25 -21.13 -15.86
N PRO B 472 32.25 -20.33 -15.40
CA PRO B 472 32.61 -20.36 -13.97
C PRO B 472 31.52 -19.83 -13.03
N LEU B 473 31.36 -20.50 -11.88
CA LEU B 473 30.37 -20.16 -10.86
C LEU B 473 30.89 -19.17 -9.83
N LYS B 474 32.19 -18.84 -9.86
CA LYS B 474 32.79 -17.94 -8.86
C LYS B 474 32.26 -16.53 -9.10
N SER B 475 31.89 -15.88 -8.01
CA SER B 475 31.38 -14.52 -8.07
C SER B 475 32.50 -13.51 -8.21
N PRO B 476 32.28 -12.41 -8.95
CA PRO B 476 33.26 -11.31 -8.94
C PRO B 476 33.22 -10.44 -7.66
N GLY B 477 32.18 -10.62 -6.82
CA GLY B 477 32.03 -9.86 -5.58
C GLY B 477 31.13 -8.67 -5.75
N VAL B 478 30.88 -7.94 -4.64
CA VAL B 478 30.01 -6.74 -4.62
C VAL B 478 30.79 -5.43 -4.47
N ARG B 479 32.13 -5.48 -4.51
CA ARG B 479 32.97 -4.30 -4.40
C ARG B 479 33.27 -3.87 -5.83
N PRO B 480 33.10 -2.57 -6.19
CA PRO B 480 33.39 -2.14 -7.58
C PRO B 480 34.79 -2.46 -8.06
N SER B 481 34.89 -2.84 -9.33
CA SER B 481 36.12 -3.27 -9.99
C SER B 481 37.03 -2.12 -10.43
N ASN B 482 36.50 -0.89 -10.57
CA ASN B 482 37.27 0.30 -10.97
C ASN B 482 37.06 1.45 -9.96
N PRO B 483 38.06 2.36 -9.78
CA PRO B 483 37.85 3.50 -8.86
C PRO B 483 36.89 4.54 -9.45
C FMT C . -5.44 -17.95 -3.27
O1 FMT C . -4.30 -18.24 -3.67
O2 FMT C . -6.41 -17.85 -4.22
C FMT D . 14.23 -17.67 9.50
O1 FMT D . 15.20 -16.94 9.67
O2 FMT D . 13.42 -17.33 8.45
BR UMK E . 15.02 -15.30 4.73
C8 UMK E . 15.52 -17.07 5.21
C7 UMK E . 15.11 -18.13 4.42
C6 UMK E . 15.49 -19.42 4.75
C9 UMK E . 16.31 -17.29 6.33
C10 UMK E . 16.69 -18.59 6.65
C5 UMK E . 16.31 -19.66 5.86
C UMK E . 16.69 -21.10 6.25
O UMK E . 17.93 -21.10 6.96
C4 UMK E . 16.85 -21.98 5.01
C3 UMK E . 17.07 -23.44 5.36
N UMK E . 15.97 -23.94 6.18
C2 UMK E . 15.85 -23.17 7.44
C1 UMK E . 15.62 -21.70 7.18
#